data_8DM0
#
_entry.id   8DM0
#
_cell.length_a   1.00
_cell.length_b   1.00
_cell.length_c   1.00
_cell.angle_alpha   90.00
_cell.angle_beta   90.00
_cell.angle_gamma   90.00
#
_symmetry.space_group_name_H-M   'P 1'
#
loop_
_entity.id
_entity.type
_entity.pdbx_description
1 polymer 'Spike glycoprotein'
2 polymer 'VH ab6'
3 non-polymer 2-acetamido-2-deoxy-beta-D-glucopyranose
#
loop_
_entity_poly.entity_id
_entity_poly.type
_entity_poly.pdbx_seq_one_letter_code
_entity_poly.pdbx_strand_id
1 'polypeptide(L)'
;MFVFLVLLPLVSSQCVNLTTRTQLPPAYTNSFTRGVYYPDKVFRSSVLHSTQDLFLPFFSNVTWFHAIHVSGTNGTKRFD
NPVLPFNDGVYFASTEKSNIIRGWIFGTTLDSKTQSLLIVNNATNVVIKVCEFQFCNDPFLGVYYHKNNKSWMESEFRVY
SSANNCTFEYVSQPFLMDLEGKQGNFKNLREFVFKNIDGYFKIYSKHTPINLVRDLPQGFSALEPLVDLPIGINITRFQT
LLALHRSYLTPGDSSSGWTAGAAAYYVGYLQPRTFLLKYNENGTITDAVDCALDPLSETKCTLKSFTVEKGIYQTSNFRV
QPTESIVRFPNITNLCPFGEVFNATRFASVYAWNRKRISNCVADYSVLYNSASFSTFKCYGVSPTKLNDLCFTNVYADSF
VIRGDEVRQIAPGQTGKIADYNYKLPDDFTGCVIAWNSNNLDSKVGGNYNYLYRLFRKSNLKPFERDISTEIYQAGSTPC
NGVEGFNCYFPLQSYGFQPTNGVGYQPYRVVVLSFELLHAPATVCGPKKSTNLVKNKCVNFNFNGLTGTGVLTESNKKFL
PFQQFGRDIADTTDAVRDPQTLEILDITPCSFGGVSVITPGTNTSNQVAVLYQGVNCTEVPVAIHADQLTPTWRVYSTGS
NVFQTRAGCLIGAEHVNNSYECDIPIGAGICASYQTQTNSPGSASSVASQSIIAYTMSLGAENSVAYSNNSIAIPTNFTI
SVTTEILPVSMTKTSVDCTMYICGDSTECSNLLLQYGSFCTQLNRALTGIAVEQDKNTQEVFAQVKQIYKTPPIKDFGGF
NFSQILPDPSKPSKRSPIEDLLFNKVTLADAGFIKQYGDCLGDIAARDLICAQKFNGLTVLPPLLTDEMIAQYTSALLAG
TITSGWTFGAGPALQIPFPMQMAYRFNGIGVTQNVLYENQKLIANQFNSAIGKIQDSLSSTPSALGKLQDVVNQNAQALN
TLVKQLSSNFGAISSVLNDILSRLDPPEAEVQIDRLITGRLQSLQTYVTQQLIRAAEIRASANLAATKMSECVLGQSKRV
DFCGKGYHLMSFPQSAPHGVVFLHVTYVPAQEKNFTTAPAICHDGKAHFPREGVFVSNGTHWFVTQRNFYEPQIITTDNT
FVSGNCDVVIGIVNNTVYDPLQPELDSFKEELDKYFKNHTSPDVDLGDISGINASVVNIQKEIDRLNEVAKNLNESLIDL
QELGKYEQGSGYIPEAPRDGQAYVRKDGEWVLLSTFLGRSLEVLFQGPGHHHHHHHHSAWSHPQFEKGGGSGGGGSGGSA
WSHPQFEK
;
C
2 'polypeptide(L)'
;EVQLVESGGGVVQPGRSLRLSCAASGFTFSSYAMHWVRQAPGKGLEWIGNIYHDGSTFYNPSLKSLVTISRDDSTNTLYL
QMNSLRAEDTAIYYCARVWLYGSGYMDVWGKGTLVTVSS
;
H
#
loop_
_chem_comp.id
_chem_comp.type
_chem_comp.name
_chem_comp.formula
NAG D-saccharide, beta linking 2-acetamido-2-deoxy-beta-D-glucopyranose 'C8 H15 N O6'
#
# COMPACT_ATOMS: atom_id res chain seq x y z
N THR A 333 5.89 35.29 -4.86
CA THR A 333 5.41 35.51 -6.22
C THR A 333 5.48 34.26 -7.06
N ASN A 334 6.22 33.26 -6.59
CA ASN A 334 6.39 32.05 -7.37
C ASN A 334 5.16 31.14 -7.29
N LEU A 335 4.99 30.30 -8.30
CA LEU A 335 3.81 29.46 -8.42
C LEU A 335 3.90 28.26 -7.49
N CYS A 336 2.75 27.79 -7.03
CA CYS A 336 2.73 26.58 -6.23
C CYS A 336 2.88 25.35 -7.11
N PRO A 337 3.60 24.32 -6.66
CA PRO A 337 3.82 23.13 -7.50
C PRO A 337 2.65 22.16 -7.46
N PHE A 338 1.54 22.55 -8.08
CA PHE A 338 0.45 21.60 -8.29
C PHE A 338 0.76 20.60 -9.40
N GLY A 339 1.61 20.97 -10.36
CA GLY A 339 2.00 20.05 -11.40
C GLY A 339 2.83 18.88 -10.90
N GLU A 340 3.56 19.06 -9.80
CA GLU A 340 4.25 17.95 -9.16
C GLU A 340 3.33 17.07 -8.37
N VAL A 341 2.09 17.49 -8.15
CA VAL A 341 1.12 16.71 -7.39
C VAL A 341 0.11 16.03 -8.30
N PHE A 342 -0.59 16.80 -9.13
CA PHE A 342 -1.63 16.21 -9.97
C PHE A 342 -1.06 15.45 -11.16
N ASN A 343 -0.01 15.98 -11.78
CA ASN A 343 0.57 15.39 -12.98
C ASN A 343 1.80 14.55 -12.68
N ALA A 344 1.87 13.96 -11.49
CA ALA A 344 2.96 13.05 -11.17
C ALA A 344 2.79 11.74 -11.92
N THR A 345 3.92 11.09 -12.21
CA THR A 345 3.87 9.82 -12.94
C THR A 345 3.36 8.70 -12.05
N ARG A 346 3.76 8.69 -10.79
CA ARG A 346 3.42 7.61 -9.86
C ARG A 346 2.74 8.17 -8.64
N PHE A 347 1.67 7.50 -8.21
CA PHE A 347 1.06 7.77 -6.91
C PHE A 347 1.25 6.58 -5.99
N ALA A 348 1.39 6.87 -4.71
CA ALA A 348 1.48 5.81 -3.73
C ALA A 348 0.10 5.23 -3.45
N SER A 349 0.08 4.10 -2.77
CA SER A 349 -1.17 3.45 -2.44
C SER A 349 -1.88 4.18 -1.32
N VAL A 350 -3.14 3.81 -1.08
CA VAL A 350 -3.95 4.50 -0.10
C VAL A 350 -3.52 4.16 1.33
N TYR A 351 -2.90 3.00 1.53
CA TYR A 351 -2.39 2.68 2.87
C TYR A 351 -1.15 3.50 3.19
N ALA A 352 -0.43 3.97 2.18
CA ALA A 352 0.79 4.73 2.37
C ALA A 352 0.74 6.04 1.59
N TRP A 353 -0.36 6.78 1.75
CA TRP A 353 -0.65 7.96 0.92
C TRP A 353 0.40 9.05 1.09
N ASN A 354 0.69 9.75 0.00
CA ASN A 354 1.76 10.75 0.01
C ASN A 354 1.23 12.10 0.47
N ARG A 355 1.96 12.72 1.39
CA ARG A 355 1.59 14.02 1.94
C ARG A 355 2.66 15.03 1.56
N LYS A 356 2.24 16.12 0.91
CA LYS A 356 3.15 17.18 0.50
C LYS A 356 2.69 18.49 1.11
N ARG A 357 3.62 19.19 1.77
CA ARG A 357 3.34 20.50 2.33
C ARG A 357 3.58 21.56 1.27
N ILE A 358 2.58 22.37 1.00
CA ILE A 358 2.66 23.44 0.01
C ILE A 358 2.68 24.76 0.75
N SER A 359 3.75 25.54 0.58
CA SER A 359 3.89 26.80 1.30
C SER A 359 4.81 27.73 0.53
N ASN A 360 4.70 29.02 0.84
CA ASN A 360 5.51 30.11 0.30
C ASN A 360 5.40 30.15 -1.23
N CYS A 361 4.16 30.22 -1.69
CA CYS A 361 3.88 30.32 -3.12
C CYS A 361 2.48 30.85 -3.34
N VAL A 362 2.23 31.31 -4.56
CA VAL A 362 0.92 31.76 -4.98
C VAL A 362 0.22 30.63 -5.70
N ALA A 363 -0.93 30.22 -5.18
CA ALA A 363 -1.66 29.06 -5.69
C ALA A 363 -2.75 29.52 -6.64
N ASP A 364 -2.67 29.07 -7.88
CA ASP A 364 -3.63 29.43 -8.93
C ASP A 364 -4.63 28.28 -8.99
N TYR A 365 -5.74 28.43 -8.29
CA TYR A 365 -6.74 27.37 -8.21
C TYR A 365 -7.64 27.32 -9.44
N SER A 366 -7.66 28.39 -10.24
CA SER A 366 -8.58 28.49 -11.36
C SER A 366 -8.25 27.51 -12.49
N VAL A 367 -7.03 26.97 -12.53
CA VAL A 367 -6.72 25.93 -13.50
C VAL A 367 -7.15 24.55 -13.03
N LEU A 368 -7.64 24.43 -11.80
CA LEU A 368 -8.11 23.15 -11.31
C LEU A 368 -9.59 22.94 -11.56
N TYR A 369 -10.43 23.90 -11.18
CA TYR A 369 -11.87 23.72 -11.28
C TYR A 369 -12.33 23.79 -12.74
N ASN A 370 -11.72 24.65 -13.53
CA ASN A 370 -12.14 24.75 -14.92
C ASN A 370 -11.56 23.66 -15.80
N SER A 371 -10.65 22.84 -15.29
CA SER A 371 -10.20 21.68 -16.03
C SER A 371 -11.28 20.61 -16.02
N ALA A 372 -11.55 20.04 -17.19
CA ALA A 372 -12.59 19.03 -17.35
C ALA A 372 -12.09 17.61 -17.07
N SER A 373 -10.85 17.46 -16.62
CA SER A 373 -10.32 16.13 -16.38
C SER A 373 -10.86 15.53 -15.08
N PHE A 374 -11.11 16.36 -14.07
CA PHE A 374 -11.48 15.87 -12.75
C PHE A 374 -12.96 15.53 -12.72
N SER A 375 -13.27 14.27 -12.43
CA SER A 375 -14.66 13.86 -12.33
C SER A 375 -15.29 14.31 -11.01
N THR A 376 -14.52 14.27 -9.93
CA THR A 376 -15.00 14.65 -8.62
C THR A 376 -14.19 15.85 -8.13
N PHE A 377 -14.89 16.94 -7.83
CA PHE A 377 -14.29 18.13 -7.23
C PHE A 377 -15.28 18.56 -6.15
N LYS A 378 -15.09 18.04 -4.95
CA LYS A 378 -16.02 18.30 -3.85
C LYS A 378 -15.27 18.98 -2.72
N CYS A 379 -15.67 20.20 -2.41
CA CYS A 379 -14.99 21.00 -1.40
C CYS A 379 -15.87 21.18 -0.18
N TYR A 380 -15.30 20.92 0.99
CA TYR A 380 -16.00 21.00 2.26
C TYR A 380 -15.43 22.16 3.06
N GLY A 381 -16.31 23.05 3.52
CA GLY A 381 -15.89 24.20 4.29
C GLY A 381 -15.42 25.38 3.48
N VAL A 382 -15.37 25.26 2.15
CA VAL A 382 -14.97 26.36 1.28
C VAL A 382 -15.61 26.12 -0.09
N SER A 383 -16.05 27.20 -0.72
CA SER A 383 -16.51 27.07 -2.09
C SER A 383 -15.31 27.08 -3.03
N PRO A 384 -15.35 26.31 -4.11
CA PRO A 384 -14.17 26.23 -4.99
C PRO A 384 -13.92 27.50 -5.78
N THR A 385 -14.96 28.28 -6.06
CA THR A 385 -14.80 29.54 -6.76
C THR A 385 -14.09 30.59 -5.92
N LYS A 386 -14.31 30.58 -4.61
CA LYS A 386 -13.71 31.56 -3.71
C LYS A 386 -12.29 31.20 -3.30
N LEU A 387 -11.76 30.08 -3.79
CA LEU A 387 -10.43 29.59 -3.41
C LEU A 387 -9.33 30.55 -3.82
N ASN A 388 -9.54 31.36 -4.84
CA ASN A 388 -8.56 32.37 -5.23
C ASN A 388 -8.56 33.55 -4.27
N ASP A 389 -9.65 33.82 -3.59
CA ASP A 389 -9.76 35.03 -2.79
C ASP A 389 -9.25 34.87 -1.36
N LEU A 390 -8.94 33.64 -0.94
CA LEU A 390 -8.58 33.39 0.45
C LEU A 390 -7.10 33.07 0.55
N CYS A 391 -6.52 33.48 1.67
CA CYS A 391 -5.14 33.16 1.99
C CYS A 391 -5.13 32.07 3.06
N PHE A 392 -4.44 30.99 2.77
CA PHE A 392 -4.37 29.84 3.67
C PHE A 392 -2.98 29.77 4.27
N THR A 393 -2.82 28.89 5.24
CA THR A 393 -1.50 28.47 5.69
C THR A 393 -1.51 26.96 5.95
N ASN A 394 -0.34 26.35 5.75
CA ASN A 394 -0.10 24.92 5.93
C ASN A 394 -1.04 24.07 5.07
N VAL A 395 -1.01 24.32 3.78
CA VAL A 395 -1.80 23.56 2.82
C VAL A 395 -1.13 22.20 2.60
N TYR A 396 -1.93 21.14 2.66
CA TYR A 396 -1.42 19.79 2.50
C TYR A 396 -2.10 19.12 1.32
N ALA A 397 -1.31 18.45 0.49
CA ALA A 397 -1.82 17.69 -0.64
C ALA A 397 -1.57 16.22 -0.36
N ASP A 398 -2.65 15.45 -0.28
CA ASP A 398 -2.58 14.02 0.01
C ASP A 398 -2.98 13.26 -1.24
N SER A 399 -2.04 12.50 -1.81
CA SER A 399 -2.25 11.82 -3.08
C SER A 399 -2.22 10.32 -2.89
N PHE A 400 -3.19 9.64 -3.50
CA PHE A 400 -3.27 8.17 -3.48
C PHE A 400 -4.17 7.71 -4.61
N VAL A 401 -4.36 6.39 -4.70
CA VAL A 401 -5.14 5.76 -5.76
C VAL A 401 -6.11 4.77 -5.13
N ILE A 402 -7.41 4.93 -5.42
CA ILE A 402 -8.45 4.04 -4.92
C ILE A 402 -9.37 3.68 -6.08
N ARG A 403 -10.18 2.64 -5.91
CA ARG A 403 -11.07 2.26 -6.99
C ARG A 403 -12.30 3.16 -7.02
N GLY A 404 -13.19 2.87 -7.98
CA GLY A 404 -14.17 3.87 -8.41
C GLY A 404 -15.25 4.17 -7.40
N ASP A 405 -15.82 3.12 -6.79
CA ASP A 405 -16.94 3.34 -5.88
C ASP A 405 -16.50 3.68 -4.47
N GLU A 406 -15.20 3.78 -4.23
CA GLU A 406 -14.67 4.16 -2.93
C GLU A 406 -14.36 5.64 -2.84
N VAL A 407 -14.55 6.40 -3.93
CA VAL A 407 -14.34 7.84 -3.93
C VAL A 407 -15.33 8.53 -3.00
N ARG A 408 -16.54 7.99 -2.87
CA ARG A 408 -17.50 8.50 -1.90
C ARG A 408 -17.02 8.31 -0.46
N GLN A 409 -16.10 7.39 -0.21
CA GLN A 409 -15.56 7.22 1.13
C GLN A 409 -14.51 8.25 1.50
N ILE A 410 -14.06 9.07 0.55
CA ILE A 410 -13.17 10.19 0.86
C ILE A 410 -14.08 11.39 1.11
N ALA A 411 -14.63 11.44 2.32
CA ALA A 411 -15.56 12.48 2.75
C ALA A 411 -15.66 12.41 4.27
N PRO A 412 -16.00 13.51 4.95
CA PRO A 412 -16.21 13.45 6.39
C PRO A 412 -17.45 12.63 6.75
N GLY A 413 -17.29 11.77 7.75
CA GLY A 413 -18.42 11.01 8.26
C GLY A 413 -18.78 9.77 7.47
N GLN A 414 -17.88 9.28 6.62
CA GLN A 414 -18.17 8.09 5.84
C GLN A 414 -17.55 6.86 6.49
N THR A 415 -18.14 5.69 6.19
CA THR A 415 -17.64 4.41 6.66
C THR A 415 -17.28 3.54 5.46
N GLY A 416 -16.45 2.56 5.70
CA GLY A 416 -15.95 1.67 4.68
C GLY A 416 -14.54 1.25 5.02
N LYS A 417 -13.91 0.51 4.11
CA LYS A 417 -12.55 0.06 4.36
C LYS A 417 -11.56 1.22 4.29
N ILE A 418 -11.75 2.12 3.31
CA ILE A 418 -10.81 3.22 3.11
C ILE A 418 -10.93 4.24 4.23
N ALA A 419 -12.17 4.54 4.66
CA ALA A 419 -12.37 5.52 5.71
C ALA A 419 -11.89 5.01 7.06
N ASP A 420 -12.16 3.74 7.35
CA ASP A 420 -11.76 3.21 8.66
C ASP A 420 -10.27 2.90 8.74
N TYR A 421 -9.74 2.14 7.79
CA TYR A 421 -8.41 1.57 7.95
C TYR A 421 -7.36 2.16 7.03
N ASN A 422 -7.73 2.99 6.06
CA ASN A 422 -6.75 3.49 5.09
C ASN A 422 -6.56 5.00 5.16
N TYR A 423 -7.65 5.77 5.06
CA TYR A 423 -7.53 7.22 5.02
C TYR A 423 -8.80 7.80 5.63
N LYS A 424 -8.68 8.44 6.78
CA LYS A 424 -9.81 9.00 7.50
C LYS A 424 -9.74 10.52 7.46
N LEU A 425 -10.83 11.14 7.05
CA LEU A 425 -10.99 12.58 7.10
C LEU A 425 -11.72 12.99 8.37
N PRO A 426 -11.32 14.09 9.01
CA PRO A 426 -11.99 14.52 10.23
C PRO A 426 -13.38 15.09 9.94
N ASP A 427 -14.18 15.19 11.01
CA ASP A 427 -15.51 15.79 10.89
C ASP A 427 -15.44 17.28 10.61
N ASP A 428 -14.42 17.96 11.13
CA ASP A 428 -14.23 19.39 10.92
C ASP A 428 -13.32 19.69 9.74
N PHE A 429 -13.35 18.84 8.72
CA PHE A 429 -12.43 18.97 7.60
C PHE A 429 -12.81 20.16 6.73
N THR A 430 -11.82 21.01 6.43
CA THR A 430 -11.93 22.03 5.41
C THR A 430 -10.90 21.76 4.32
N GLY A 431 -11.33 21.86 3.08
CA GLY A 431 -10.47 21.51 1.97
C GLY A 431 -11.29 21.02 0.80
N CYS A 432 -10.61 20.31 -0.09
CA CYS A 432 -11.20 19.85 -1.34
C CYS A 432 -10.72 18.44 -1.66
N VAL A 433 -11.65 17.59 -2.10
CA VAL A 433 -11.34 16.24 -2.56
C VAL A 433 -11.49 16.25 -4.07
N ILE A 434 -10.41 15.92 -4.77
CA ILE A 434 -10.36 15.92 -6.23
C ILE A 434 -10.01 14.52 -6.67
N ALA A 435 -10.80 13.96 -7.56
CA ALA A 435 -10.58 12.59 -7.99
C ALA A 435 -10.92 12.45 -9.47
N TRP A 436 -10.07 11.74 -10.19
CA TRP A 436 -10.31 11.56 -11.61
C TRP A 436 -9.93 10.15 -12.02
N ASN A 437 -10.59 9.67 -13.07
CA ASN A 437 -10.33 8.34 -13.59
C ASN A 437 -8.95 8.29 -14.24
N SER A 438 -8.21 7.24 -13.94
CA SER A 438 -6.87 7.03 -14.49
C SER A 438 -6.72 5.58 -14.92
N ASN A 439 -7.70 5.08 -15.67
CA ASN A 439 -7.64 3.72 -16.17
C ASN A 439 -6.56 3.54 -17.22
N ASN A 440 -6.37 4.55 -18.08
CA ASN A 440 -5.37 4.44 -19.13
C ASN A 440 -3.94 4.73 -18.66
N LEU A 441 -3.73 5.04 -17.39
CA LEU A 441 -2.37 5.04 -16.82
C LEU A 441 -2.13 3.94 -15.80
N ASP A 442 -3.13 3.56 -14.99
CA ASP A 442 -2.90 2.71 -13.85
C ASP A 442 -3.45 1.29 -14.01
N SER A 443 -3.78 0.88 -15.23
CA SER A 443 -4.24 -0.47 -15.48
C SER A 443 -3.38 -1.12 -16.54
N LYS A 444 -3.01 -2.37 -16.31
CA LYS A 444 -2.26 -3.15 -17.26
C LYS A 444 -3.09 -4.38 -17.62
N VAL A 445 -2.90 -4.89 -18.84
CA VAL A 445 -3.79 -5.91 -19.38
C VAL A 445 -3.66 -7.23 -18.63
N GLY A 446 -2.47 -7.54 -18.11
CA GLY A 446 -2.35 -8.68 -17.23
C GLY A 446 -2.85 -8.43 -15.83
N GLY A 447 -2.98 -7.17 -15.44
CA GLY A 447 -3.39 -6.82 -14.10
C GLY A 447 -2.33 -6.00 -13.40
N ASN A 448 -2.68 -4.80 -12.97
CA ASN A 448 -1.75 -3.94 -12.23
C ASN A 448 -1.90 -4.24 -10.75
N TYR A 449 -0.76 -4.42 -10.07
CA TYR A 449 -0.74 -4.79 -8.66
C TYR A 449 0.15 -3.89 -7.82
N ASN A 450 0.43 -2.67 -8.29
CA ASN A 450 1.27 -1.75 -7.55
C ASN A 450 0.50 -0.97 -6.49
N TYR A 451 -0.81 -1.15 -6.41
CA TYR A 451 -1.65 -0.36 -5.53
C TYR A 451 -2.31 -1.26 -4.51
N LEU A 452 -2.19 -0.90 -3.23
CA LEU A 452 -2.68 -1.72 -2.13
C LEU A 452 -3.65 -0.92 -1.28
N TYR A 453 -4.51 -1.64 -0.57
CA TYR A 453 -5.35 -1.06 0.46
C TYR A 453 -5.33 -1.98 1.66
N ARG A 454 -5.36 -1.40 2.85
CA ARG A 454 -5.40 -2.18 4.07
C ARG A 454 -6.80 -2.73 4.29
N LEU A 455 -6.89 -4.03 4.51
CA LEU A 455 -8.17 -4.71 4.63
C LEU A 455 -8.73 -4.73 6.05
N PHE A 456 -7.86 -4.73 7.05
CA PHE A 456 -8.32 -4.84 8.43
C PHE A 456 -7.33 -4.18 9.37
N ARG A 457 -7.86 -3.53 10.39
CA ARG A 457 -7.07 -2.97 11.48
C ARG A 457 -7.82 -3.26 12.77
N LYS A 458 -7.10 -3.25 13.89
CA LYS A 458 -7.71 -3.54 15.18
C LYS A 458 -8.73 -2.46 15.57
N SER A 459 -8.42 -1.21 15.28
CA SER A 459 -9.30 -0.09 15.54
C SER A 459 -9.33 0.80 14.31
N ASN A 460 -10.33 1.69 14.26
CA ASN A 460 -10.37 2.68 13.18
C ASN A 460 -9.23 3.67 13.33
N LEU A 461 -8.78 4.21 12.20
CA LEU A 461 -7.72 5.22 12.24
C LEU A 461 -8.23 6.52 12.85
N LYS A 462 -7.32 7.26 13.46
CA LYS A 462 -7.56 8.66 13.74
C LYS A 462 -7.52 9.44 12.43
N PRO A 463 -8.16 10.60 12.37
CA PRO A 463 -8.10 11.42 11.16
C PRO A 463 -6.69 11.88 10.84
N PHE A 464 -6.35 11.80 9.54
CA PHE A 464 -5.01 12.10 8.99
C PHE A 464 -3.93 11.27 9.67
N GLU A 465 -4.18 9.98 9.84
CA GLU A 465 -3.20 9.06 10.41
C GLU A 465 -2.83 8.02 9.36
N ARG A 466 -1.54 7.79 9.22
CA ARG A 466 -0.99 6.90 8.19
C ARG A 466 -0.53 5.61 8.84
N ASP A 467 -0.96 4.48 8.28
CA ASP A 467 -0.55 3.17 8.78
C ASP A 467 0.24 2.46 7.68
N ILE A 468 1.55 2.69 7.65
CA ILE A 468 2.43 1.93 6.77
C ILE A 468 2.90 0.63 7.43
N SER A 469 2.50 0.39 8.67
CA SER A 469 2.94 -0.79 9.39
C SER A 469 2.19 -2.01 8.91
N THR A 470 2.93 -2.96 8.34
CA THR A 470 2.39 -4.23 7.88
C THR A 470 2.71 -5.31 8.90
N GLU A 471 1.68 -5.76 9.62
CA GLU A 471 1.86 -6.69 10.72
C GLU A 471 0.92 -7.87 10.56
N ILE A 472 1.43 -9.05 10.86
CA ILE A 472 0.64 -10.27 10.82
C ILE A 472 -0.38 -10.24 11.95
N TYR A 473 -1.65 -10.52 11.64
CA TYR A 473 -2.71 -10.48 12.63
C TYR A 473 -3.46 -11.81 12.66
N GLN A 474 -4.13 -12.06 13.77
CA GLN A 474 -4.74 -13.35 14.07
C GLN A 474 -6.15 -13.47 13.51
N ALA A 475 -6.79 -14.60 13.81
CA ALA A 475 -8.11 -14.90 13.28
C ALA A 475 -9.17 -15.12 14.36
N GLY A 476 -8.81 -15.66 15.51
CA GLY A 476 -9.79 -15.93 16.56
C GLY A 476 -9.65 -17.32 17.13
N SER A 477 -9.54 -17.38 18.47
CA SER A 477 -9.55 -18.57 19.31
C SER A 477 -8.31 -19.45 19.18
N THR A 478 -7.41 -19.11 18.26
CA THR A 478 -6.12 -19.75 18.10
C THR A 478 -5.09 -18.66 17.86
N PRO A 479 -3.96 -18.65 18.56
CA PRO A 479 -2.98 -17.59 18.35
C PRO A 479 -2.19 -17.82 17.08
N CYS A 480 -1.40 -16.82 16.67
CA CYS A 480 -0.58 -16.95 15.48
C CYS A 480 0.84 -17.39 15.87
N ASN A 481 0.89 -18.53 16.55
CA ASN A 481 2.16 -19.09 17.01
C ASN A 481 2.71 -20.03 15.95
N GLY A 482 2.96 -19.46 14.77
CA GLY A 482 3.33 -20.23 13.61
C GLY A 482 2.12 -20.64 12.78
N VAL A 483 2.32 -21.71 12.01
CA VAL A 483 1.29 -22.27 11.16
C VAL A 483 0.15 -22.90 11.95
N GLU A 484 0.40 -23.31 13.20
CA GLU A 484 -0.39 -24.31 13.91
C GLU A 484 -1.84 -23.91 14.16
N GLY A 485 -2.11 -22.63 14.44
CA GLY A 485 -3.48 -22.17 14.63
C GLY A 485 -4.20 -21.97 13.30
N PHE A 486 -5.30 -21.22 13.36
CA PHE A 486 -5.89 -20.72 12.12
C PHE A 486 -4.90 -19.79 11.45
N ASN A 487 -4.69 -20.03 10.16
CA ASN A 487 -3.58 -19.40 9.45
C ASN A 487 -3.81 -17.91 9.31
N CYS A 488 -2.71 -17.17 9.36
CA CYS A 488 -2.77 -15.79 9.79
C CYS A 488 -3.05 -14.86 8.61
N TYR A 489 -4.07 -14.02 8.76
CA TYR A 489 -4.55 -13.18 7.67
C TYR A 489 -3.59 -12.03 7.42
N PHE A 490 -3.46 -11.61 6.16
CA PHE A 490 -2.57 -10.49 5.84
C PHE A 490 -3.39 -9.21 5.69
N PRO A 491 -2.92 -8.07 6.21
CA PRO A 491 -3.75 -6.86 6.18
C PRO A 491 -3.83 -6.16 4.83
N LEU A 492 -2.79 -6.18 4.01
CA LEU A 492 -2.76 -5.39 2.80
C LEU A 492 -3.15 -6.26 1.60
N GLN A 493 -4.21 -5.86 0.90
CA GLN A 493 -4.59 -6.53 -0.34
C GLN A 493 -4.39 -5.58 -1.49
N SER A 494 -3.94 -6.11 -2.62
CA SER A 494 -3.74 -5.30 -3.80
C SER A 494 -5.02 -5.26 -4.62
N TYR A 495 -5.29 -4.10 -5.20
CA TYR A 495 -6.40 -3.96 -6.13
C TYR A 495 -6.13 -4.73 -7.42
N GLY A 496 -7.16 -5.42 -7.90
CA GLY A 496 -7.04 -6.02 -9.21
C GLY A 496 -7.47 -5.04 -10.28
N PHE A 497 -6.51 -4.27 -10.79
CA PHE A 497 -6.73 -3.31 -11.87
C PHE A 497 -6.38 -3.93 -13.22
N GLN A 498 -7.41 -4.23 -14.00
CA GLN A 498 -7.32 -4.51 -15.41
C GLN A 498 -8.21 -3.52 -16.16
N PRO A 499 -7.86 -3.15 -17.39
CA PRO A 499 -8.69 -2.18 -18.12
C PRO A 499 -10.03 -2.72 -18.56
N THR A 500 -10.23 -4.05 -18.54
CA THR A 500 -11.52 -4.60 -18.89
C THR A 500 -12.51 -4.56 -17.74
N ASN A 501 -12.06 -4.20 -16.54
CA ASN A 501 -12.97 -4.00 -15.42
C ASN A 501 -13.89 -2.82 -15.68
N GLY A 502 -15.12 -2.93 -15.20
CA GLY A 502 -16.09 -1.87 -15.39
C GLY A 502 -15.76 -0.67 -14.53
N VAL A 503 -16.45 0.43 -14.82
CA VAL A 503 -16.25 1.65 -14.06
C VAL A 503 -16.81 1.44 -12.65
N GLY A 504 -16.06 1.89 -11.65
CA GLY A 504 -16.39 1.58 -10.28
C GLY A 504 -15.36 0.66 -9.68
N TYR A 505 -14.73 -0.16 -10.52
CA TYR A 505 -13.64 -1.02 -10.12
C TYR A 505 -12.30 -0.50 -10.62
N GLN A 506 -12.30 0.45 -11.53
CA GLN A 506 -11.23 1.11 -12.26
C GLN A 506 -10.44 2.03 -11.34
N PRO A 507 -9.16 2.28 -11.63
CA PRO A 507 -8.38 3.17 -10.77
C PRO A 507 -8.82 4.62 -10.89
N TYR A 508 -8.96 5.26 -9.74
CA TYR A 508 -9.25 6.68 -9.63
C TYR A 508 -8.15 7.29 -8.78
N ARG A 509 -7.51 8.33 -9.29
CA ARG A 509 -6.50 9.05 -8.56
C ARG A 509 -7.18 10.11 -7.70
N VAL A 510 -6.81 10.19 -6.43
CA VAL A 510 -7.42 11.11 -5.49
C VAL A 510 -6.33 12.00 -4.91
N VAL A 511 -6.54 13.31 -4.99
CA VAL A 511 -5.73 14.31 -4.31
C VAL A 511 -6.65 15.08 -3.37
N VAL A 512 -6.29 15.15 -2.11
CA VAL A 512 -7.05 15.86 -1.09
C VAL A 512 -6.22 17.06 -0.66
N LEU A 513 -6.76 18.26 -0.88
CA LEU A 513 -6.15 19.48 -0.41
C LEU A 513 -6.77 19.87 0.92
N SER A 514 -5.93 20.16 1.90
CA SER A 514 -6.38 20.52 3.23
C SER A 514 -5.77 21.86 3.62
N PHE A 515 -6.60 22.75 4.18
CA PHE A 515 -6.19 24.11 4.48
C PHE A 515 -6.34 24.39 5.97
N GLU A 516 -5.84 25.57 6.36
CA GLU A 516 -6.14 26.17 7.66
C GLU A 516 -6.49 27.64 7.43
N LEU A 517 -7.58 28.10 8.04
CA LEU A 517 -8.19 29.38 7.67
C LEU A 517 -7.71 30.51 8.58
N LEU A 518 -6.58 31.13 8.20
CA LEU A 518 -6.15 32.46 8.64
C LEU A 518 -5.97 32.56 10.16
N HIS A 519 -4.99 31.81 10.67
CA HIS A 519 -4.67 31.85 12.09
C HIS A 519 -3.26 32.33 12.38
N ALA A 520 -2.34 32.21 11.43
CA ALA A 520 -0.96 32.67 11.53
C ALA A 520 -0.75 33.68 10.42
N PRO A 521 0.39 34.39 10.36
CA PRO A 521 0.75 35.08 9.12
C PRO A 521 0.84 34.12 7.95
N ALA A 522 -0.11 34.25 7.02
CA ALA A 522 -0.35 33.26 6.00
C ALA A 522 0.73 33.29 4.93
N THR A 523 0.97 32.13 4.32
CA THR A 523 1.98 32.01 3.28
C THR A 523 1.41 31.62 1.92
N VAL A 524 0.30 30.88 1.88
CA VAL A 524 -0.30 30.42 0.64
C VAL A 524 -1.48 31.33 0.33
N CYS A 525 -1.41 32.03 -0.80
CA CYS A 525 -2.41 33.01 -1.17
C CYS A 525 -2.76 32.86 -2.64
N GLY A 526 -3.94 33.34 -3.01
CA GLY A 526 -4.31 33.44 -4.40
C GLY A 526 -3.74 34.69 -5.01
N PRO A 527 -3.97 34.89 -6.31
CA PRO A 527 -3.49 36.12 -6.96
C PRO A 527 -4.32 37.34 -6.59
N GLU B 1 -2.12 -32.84 -4.88
CA GLU B 1 -2.67 -31.92 -3.89
C GLU B 1 -1.83 -30.66 -3.78
N VAL B 2 -2.30 -29.69 -3.00
CA VAL B 2 -1.61 -28.43 -2.84
C VAL B 2 -0.38 -28.63 -1.95
N GLN B 3 0.73 -28.03 -2.33
CA GLN B 3 2.00 -28.23 -1.65
C GLN B 3 2.96 -27.09 -1.93
N LEU B 4 3.57 -26.57 -0.87
CA LEU B 4 4.69 -25.64 -0.96
C LEU B 4 5.90 -26.27 -0.30
N VAL B 5 7.03 -26.31 -1.00
CA VAL B 5 8.27 -26.88 -0.48
C VAL B 5 9.36 -25.82 -0.58
N GLU B 6 10.26 -25.79 0.39
CA GLU B 6 11.33 -24.79 0.37
C GLU B 6 12.71 -25.46 0.38
N SER B 7 13.71 -24.67 0.00
CA SER B 7 15.10 -25.14 -0.01
C SER B 7 16.02 -23.93 0.08
N GLY B 8 17.28 -24.20 0.44
CA GLY B 8 18.32 -23.20 0.48
C GLY B 8 18.87 -22.88 1.85
N GLY B 9 18.31 -23.43 2.92
CA GLY B 9 18.80 -23.11 4.25
C GLY B 9 20.08 -23.85 4.60
N GLY B 10 20.77 -23.32 5.60
CA GLY B 10 21.98 -23.94 6.07
C GLY B 10 22.71 -23.04 7.04
N VAL B 11 23.99 -23.37 7.26
CA VAL B 11 24.86 -22.59 8.14
C VAL B 11 25.89 -21.89 7.25
N VAL B 12 25.81 -20.57 7.20
CA VAL B 12 26.63 -19.79 6.28
C VAL B 12 27.27 -18.61 7.00
N GLN B 13 28.34 -18.10 6.40
CA GLN B 13 29.09 -16.98 6.91
C GLN B 13 28.30 -15.68 6.76
N PRO B 14 28.48 -14.72 7.68
CA PRO B 14 27.72 -13.47 7.56
C PRO B 14 28.25 -12.38 6.63
N GLY B 15 27.35 -11.95 5.74
CA GLY B 15 27.71 -11.18 4.57
C GLY B 15 27.71 -11.97 3.29
N ARG B 16 27.79 -13.30 3.37
CA ARG B 16 27.57 -14.14 2.21
C ARG B 16 26.08 -14.17 1.87
N SER B 17 25.77 -14.29 0.59
CA SER B 17 24.40 -14.25 0.13
C SER B 17 23.74 -15.62 0.30
N LEU B 18 22.42 -15.62 0.26
CA LEU B 18 21.63 -16.83 0.24
C LEU B 18 20.57 -16.71 -0.83
N ARG B 19 20.11 -17.85 -1.34
CA ARG B 19 18.99 -17.87 -2.26
C ARG B 19 18.02 -18.94 -1.80
N LEU B 20 16.95 -18.52 -1.17
CA LEU B 20 15.93 -19.45 -0.70
C LEU B 20 14.86 -19.62 -1.78
N SER B 21 14.55 -20.87 -2.07
CA SER B 21 13.59 -21.19 -3.12
C SER B 21 12.35 -21.82 -2.51
N CYS B 22 11.20 -21.47 -3.09
CA CYS B 22 9.89 -21.97 -2.69
C CYS B 22 9.24 -22.52 -3.95
N ALA B 23 9.28 -23.84 -4.11
CA ALA B 23 8.64 -24.48 -5.23
C ALA B 23 7.20 -24.83 -4.87
N ALA B 24 6.28 -24.55 -5.78
CA ALA B 24 4.88 -24.84 -5.60
C ALA B 24 4.48 -26.00 -6.50
N SER B 25 3.77 -26.97 -5.95
CA SER B 25 3.31 -28.09 -6.76
C SER B 25 1.83 -28.32 -6.51
N GLY B 26 1.11 -28.59 -7.59
CA GLY B 26 -0.28 -28.98 -7.52
C GLY B 26 -1.29 -27.91 -7.87
N PHE B 27 -0.90 -26.64 -7.84
CA PHE B 27 -1.82 -25.56 -8.18
C PHE B 27 -1.13 -24.60 -9.14
N THR B 28 -1.92 -23.94 -9.99
CA THR B 28 -1.39 -22.95 -10.90
C THR B 28 -0.93 -21.73 -10.13
N PHE B 29 0.27 -21.25 -10.45
CA PHE B 29 0.92 -20.24 -9.62
C PHE B 29 0.35 -18.85 -9.85
N SER B 30 -0.38 -18.66 -10.94
CA SER B 30 -1.01 -17.38 -11.19
C SER B 30 -2.26 -17.23 -10.33
N SER B 31 -2.77 -16.00 -10.28
CA SER B 31 -3.95 -15.54 -9.54
C SER B 31 -3.82 -15.70 -8.03
N TYR B 32 -2.62 -15.99 -7.53
CA TYR B 32 -2.30 -16.04 -6.11
C TYR B 32 -1.06 -15.19 -5.87
N ALA B 33 -1.00 -14.57 -4.71
CA ALA B 33 0.09 -13.67 -4.37
C ALA B 33 0.93 -14.31 -3.27
N MET B 34 2.24 -14.19 -3.40
CA MET B 34 3.15 -14.97 -2.57
C MET B 34 3.92 -14.09 -1.60
N HIS B 35 4.04 -14.58 -0.38
CA HIS B 35 4.62 -13.91 0.79
C HIS B 35 5.83 -14.68 1.27
N TRP B 36 6.78 -13.94 1.83
CA TRP B 36 7.87 -14.50 2.61
C TRP B 36 7.75 -14.05 4.05
N VAL B 37 7.83 -14.99 4.97
CA VAL B 37 7.70 -14.72 6.41
C VAL B 37 8.91 -15.35 7.08
N ARG B 38 9.45 -14.71 8.11
CA ARG B 38 10.46 -15.38 8.93
C ARG B 38 10.10 -15.21 10.40
N GLN B 39 10.63 -16.12 11.21
CA GLN B 39 10.47 -16.02 12.66
C GLN B 39 11.79 -16.42 13.33
N ALA B 40 12.21 -15.61 14.30
CA ALA B 40 13.41 -15.94 15.07
C ALA B 40 13.03 -16.79 16.27
N PRO B 41 13.96 -17.61 16.77
CA PRO B 41 13.72 -18.33 18.04
C PRO B 41 13.54 -17.35 19.20
N GLY B 42 12.44 -17.50 19.91
CA GLY B 42 12.09 -16.58 20.96
C GLY B 42 11.39 -15.32 20.49
N LYS B 43 11.10 -15.21 19.20
CA LYS B 43 10.46 -14.04 18.62
C LYS B 43 9.27 -14.48 17.77
N GLY B 44 8.30 -13.59 17.60
CA GLY B 44 7.14 -13.86 16.79
C GLY B 44 7.43 -13.73 15.30
N LEU B 45 6.38 -13.91 14.50
CA LEU B 45 6.52 -13.90 13.06
C LEU B 45 6.75 -12.48 12.54
N GLU B 46 7.57 -12.38 11.50
CA GLU B 46 7.90 -11.11 10.87
C GLU B 46 7.76 -11.28 9.37
N TRP B 47 6.90 -10.47 8.76
CA TRP B 47 6.65 -10.56 7.33
C TRP B 47 7.77 -9.87 6.57
N ILE B 48 8.22 -10.49 5.47
CA ILE B 48 9.37 -10.02 4.70
C ILE B 48 8.92 -9.31 3.43
N GLY B 49 8.25 -10.02 2.53
CA GLY B 49 7.97 -9.45 1.23
C GLY B 49 6.82 -10.13 0.51
N ASN B 50 6.26 -9.39 -0.44
CA ASN B 50 5.17 -9.85 -1.29
C ASN B 50 5.61 -9.70 -2.74
N ILE B 51 5.16 -10.61 -3.59
CA ILE B 51 5.35 -10.39 -5.02
C ILE B 51 4.14 -10.96 -5.76
N TYR B 52 3.73 -10.30 -6.83
CA TYR B 52 2.53 -10.63 -7.59
C TYR B 52 2.90 -11.11 -9.00
N HIS B 53 1.86 -11.41 -9.77
CA HIS B 53 2.06 -11.85 -11.16
C HIS B 53 2.62 -10.73 -12.03
N ASP B 54 2.34 -9.48 -11.68
CA ASP B 54 2.90 -8.32 -12.37
C ASP B 54 4.42 -8.27 -12.22
N GLY B 55 4.93 -8.61 -11.05
CA GLY B 55 6.30 -8.32 -10.69
C GLY B 55 6.41 -7.23 -9.66
N SER B 56 5.29 -6.78 -9.10
CA SER B 56 5.31 -5.77 -8.06
C SER B 56 5.81 -6.37 -6.75
N THR B 57 6.92 -5.86 -6.24
CA THR B 57 7.50 -6.38 -5.02
C THR B 57 7.30 -5.36 -3.91
N PHE B 58 6.76 -5.84 -2.79
CA PHE B 58 6.55 -4.98 -1.63
C PHE B 58 7.33 -5.56 -0.46
N TYR B 59 8.16 -4.74 0.17
CA TYR B 59 9.02 -5.20 1.24
C TYR B 59 8.53 -4.65 2.58
N ASN B 60 9.05 -5.25 3.64
CA ASN B 60 8.82 -4.72 4.98
C ASN B 60 9.55 -3.39 5.10
N PRO B 61 8.90 -2.34 5.62
CA PRO B 61 9.65 -1.11 5.91
C PRO B 61 10.71 -1.25 7.00
N SER B 62 10.62 -2.29 7.83
CA SER B 62 11.57 -2.44 8.94
C SER B 62 12.96 -2.81 8.45
N LEU B 63 13.06 -3.74 7.50
CA LEU B 63 14.33 -4.14 6.93
C LEU B 63 14.37 -3.72 5.47
N LYS B 64 15.42 -3.00 5.08
CA LYS B 64 15.51 -2.44 3.74
C LYS B 64 16.80 -2.87 3.07
N SER B 65 16.71 -3.26 1.81
CA SER B 65 17.76 -3.64 0.88
C SER B 65 18.50 -4.92 1.28
N LEU B 66 18.09 -5.61 2.35
CA LEU B 66 18.72 -6.87 2.70
C LEU B 66 18.26 -8.01 1.81
N VAL B 67 16.99 -7.96 1.38
CA VAL B 67 16.40 -9.06 0.63
C VAL B 67 15.92 -8.58 -0.73
N THR B 68 15.58 -9.52 -1.59
CA THR B 68 15.04 -9.23 -2.92
C THR B 68 14.15 -10.39 -3.32
N ILE B 69 12.87 -10.14 -3.51
CA ILE B 69 11.93 -11.19 -3.84
C ILE B 69 11.84 -11.29 -5.36
N SER B 70 11.94 -12.51 -5.88
CA SER B 70 11.98 -12.72 -7.32
C SER B 70 11.09 -13.90 -7.68
N ARG B 71 9.95 -13.61 -8.30
CA ARG B 71 9.01 -14.62 -8.77
C ARG B 71 9.44 -15.12 -10.14
N ASP B 72 9.15 -16.40 -10.40
CA ASP B 72 9.28 -16.93 -11.75
C ASP B 72 8.06 -17.79 -12.04
N ASP B 73 7.52 -17.63 -13.24
CA ASP B 73 6.22 -18.22 -13.54
C ASP B 73 6.27 -19.31 -14.59
N SER B 74 7.42 -19.60 -15.19
CA SER B 74 7.50 -20.69 -16.15
C SER B 74 7.46 -22.04 -15.44
N THR B 75 8.04 -22.12 -14.25
CA THR B 75 8.09 -23.37 -13.50
C THR B 75 7.47 -23.27 -12.12
N ASN B 76 6.69 -22.21 -11.85
CA ASN B 76 5.88 -22.04 -10.63
C ASN B 76 6.74 -21.99 -9.38
N THR B 77 7.78 -21.16 -9.38
CA THR B 77 8.72 -21.10 -8.27
C THR B 77 8.82 -19.68 -7.75
N LEU B 78 9.36 -19.54 -6.55
CA LEU B 78 9.58 -18.23 -5.94
C LEU B 78 10.97 -18.16 -5.30
N TYR B 79 11.69 -17.09 -5.58
CA TYR B 79 13.07 -16.94 -5.11
C TYR B 79 13.20 -15.73 -4.19
N LEU B 80 14.04 -15.89 -3.18
CA LEU B 80 14.46 -14.80 -2.29
C LEU B 80 15.97 -14.75 -2.31
N GLN B 81 16.52 -13.60 -2.69
CA GLN B 81 17.95 -13.33 -2.57
C GLN B 81 18.19 -12.54 -1.28
N MET B 82 19.04 -13.07 -0.41
CA MET B 82 19.40 -12.39 0.83
C MET B 82 20.86 -11.99 0.76
N ASN B 83 21.14 -10.71 0.98
CA ASN B 83 22.48 -10.17 0.84
C ASN B 83 22.90 -9.47 2.14
N SER B 84 24.21 -9.54 2.42
CA SER B 84 24.85 -8.89 3.57
C SER B 84 24.23 -9.36 4.89
N LEU B 85 24.43 -10.65 5.17
CA LEU B 85 23.78 -11.28 6.31
C LEU B 85 24.32 -10.76 7.63
N ARG B 86 23.42 -10.36 8.52
CA ARG B 86 23.75 -9.96 9.87
C ARG B 86 23.52 -11.14 10.81
N ALA B 87 23.96 -10.98 12.06
CA ALA B 87 23.89 -12.09 13.01
C ALA B 87 22.47 -12.36 13.48
N GLU B 88 21.58 -11.37 13.38
CA GLU B 88 20.22 -11.54 13.90
C GLU B 88 19.27 -12.22 12.93
N ASP B 89 19.71 -12.55 11.72
CA ASP B 89 18.84 -13.20 10.74
C ASP B 89 18.75 -14.71 10.90
N THR B 90 19.22 -15.27 12.02
CA THR B 90 18.98 -16.67 12.34
C THR B 90 17.48 -16.88 12.48
N ALA B 91 16.86 -17.59 11.55
CA ALA B 91 15.40 -17.62 11.53
C ALA B 91 14.91 -18.84 10.77
N ILE B 92 13.66 -19.19 11.02
CA ILE B 92 12.94 -20.15 10.19
C ILE B 92 12.07 -19.37 9.23
N TYR B 93 12.22 -19.66 7.94
CA TYR B 93 11.57 -18.92 6.87
C TYR B 93 10.42 -19.76 6.31
N TYR B 94 9.35 -19.07 5.92
CA TYR B 94 8.11 -19.67 5.45
C TYR B 94 7.65 -18.99 4.17
N CYS B 95 7.08 -19.79 3.28
CA CYS B 95 6.50 -19.32 2.03
C CYS B 95 4.98 -19.38 2.16
N ALA B 96 4.31 -18.29 1.80
CA ALA B 96 2.87 -18.17 2.03
C ALA B 96 2.16 -17.74 0.76
N ARG B 97 0.86 -18.05 0.71
CA ARG B 97 0.06 -17.97 -0.51
C ARG B 97 -1.31 -17.41 -0.20
N VAL B 98 -1.66 -16.28 -0.80
CA VAL B 98 -2.99 -15.70 -0.60
C VAL B 98 -3.75 -15.70 -1.91
N TRP B 99 -5.05 -15.89 -1.83
CA TRP B 99 -5.93 -15.70 -2.96
C TRP B 99 -6.19 -14.21 -3.16
N LEU B 100 -6.10 -13.76 -4.41
CA LEU B 100 -6.30 -12.35 -4.70
C LEU B 100 -7.78 -11.95 -4.71
N TYR B 101 -8.70 -12.91 -4.59
CA TYR B 101 -10.12 -12.66 -4.77
C TYR B 101 -10.89 -13.01 -3.51
N GLY B 102 -10.38 -12.58 -2.37
CA GLY B 102 -11.01 -12.84 -1.09
C GLY B 102 -10.29 -12.06 -0.02
N SER B 103 -10.56 -12.40 1.23
CA SER B 103 -9.81 -11.83 2.33
C SER B 103 -8.38 -12.38 2.31
N GLY B 104 -7.49 -11.70 3.05
CA GLY B 104 -6.09 -12.06 3.00
C GLY B 104 -5.68 -13.31 3.77
N TYR B 105 -6.47 -14.38 3.65
CA TYR B 105 -6.20 -15.65 4.30
C TYR B 105 -5.03 -16.33 3.61
N MET B 106 -4.06 -16.80 4.39
CA MET B 106 -2.88 -17.35 3.73
C MET B 106 -2.96 -18.84 3.44
N ASP B 107 -4.11 -19.50 3.62
CA ASP B 107 -4.41 -20.86 3.12
C ASP B 107 -3.34 -21.84 3.60
N VAL B 108 -2.58 -22.46 2.71
CA VAL B 108 -1.52 -23.37 3.08
C VAL B 108 -0.21 -22.60 3.22
N TRP B 109 0.72 -23.16 4.00
CA TRP B 109 2.02 -22.55 4.27
C TRP B 109 3.11 -23.52 3.89
N GLY B 110 4.31 -22.99 3.66
CA GLY B 110 5.48 -23.84 3.55
C GLY B 110 5.85 -24.44 4.90
N LYS B 111 6.52 -25.59 4.83
CA LYS B 111 6.97 -26.23 6.06
C LYS B 111 8.10 -25.45 6.72
N GLY B 112 8.89 -24.74 5.92
CA GLY B 112 9.88 -23.84 6.47
C GLY B 112 11.30 -24.29 6.27
N THR B 113 12.23 -23.34 6.32
CA THR B 113 13.65 -23.65 6.20
C THR B 113 14.41 -22.97 7.32
N LEU B 114 15.49 -23.61 7.76
CA LEU B 114 16.27 -23.11 8.87
C LEU B 114 17.51 -22.38 8.36
N VAL B 115 17.72 -21.15 8.82
CA VAL B 115 18.89 -20.37 8.47
C VAL B 115 19.60 -20.00 9.76
N THR B 116 20.85 -20.44 9.90
CA THR B 116 21.66 -20.20 11.08
C THR B 116 22.90 -19.44 10.65
N VAL B 117 23.11 -18.27 11.24
CA VAL B 117 24.24 -17.41 10.90
C VAL B 117 25.12 -17.23 12.13
N SER B 118 26.43 -17.37 11.93
CA SER B 118 27.40 -17.32 13.01
C SER B 118 28.78 -17.03 12.44
N SER B 119 29.74 -16.78 13.31
CA SER B 119 31.11 -16.53 12.89
C SER B 119 32.05 -17.53 13.54
C1 NAG C . -1.32 18.14 -16.60
C2 NAG C . -1.55 19.62 -16.26
C3 NAG C . -2.65 20.20 -17.15
C4 NAG C . -2.34 19.97 -18.62
C5 NAG C . -2.11 18.48 -18.88
C6 NAG C . -1.68 18.20 -20.29
C7 NAG C . -1.32 20.75 -14.10
C8 NAG C . -1.78 20.79 -12.67
N2 NAG C . -1.88 19.80 -14.87
O3 NAG C . -2.78 21.59 -16.90
O4 NAG C . -3.43 20.42 -19.43
O5 NAG C . -1.06 18.00 -18.02
O6 NAG C . -2.16 19.20 -21.19
O7 NAG C . -0.49 21.53 -14.53
#